data_3EIE
#
_entry.id   3EIE
#
_cell.length_a   110.830
_cell.length_b   110.830
_cell.length_c   169.120
_cell.angle_alpha   90.00
_cell.angle_beta   90.00
_cell.angle_gamma   120.00
#
_symmetry.space_group_name_H-M   'P 65 2 2'
#
loop_
_entity.id
_entity.type
_entity.pdbx_description
1 polymer 'Vacuolar protein sorting-associated protein 4'
2 non-polymer 'SULFATE ION'
3 water water
#
_entity_poly.entity_id   1
_entity_poly.type   'polypeptide(L)'
_entity_poly.pdbx_seq_one_letter_code
;GIDPFTAILSEKPNVKWEDVAGLEGAKEALKEAVILPVKFPHLFKGNRKPTSGILLYGPPGTGKSYLAKAVATEANSTFF
SVSSSDLVSKWMGESEKLVKQLFAMARENKPSIIFIDQVDALTGTRGEGESEASRRIKTELLVQMNGVGNDSQGVLVLGA
TNIPWQLDSAIRRRFERRIYIPLPDLAARTTMFEINVGDTPCVLTKEDYRTLGAMTEGYSGSDIAVVVKDALMQPIRKIQ
SATHFKDVSTEDDETRKLTPCSPGDDGAIEMSWTDIEADELKEPDLTIKDFLKAIKSTRPTVNEDDLLKQEQFTRDFGQE
GN
;
_entity_poly.pdbx_strand_id   A
#
loop_
_chem_comp.id
_chem_comp.type
_chem_comp.name
_chem_comp.formula
SO4 non-polymer 'SULFATE ION' 'O4 S -2'
#
# COMPACT_ATOMS: atom_id res chain seq x y z
N THR A 6 -19.34 -9.49 5.64
CA THR A 6 -18.07 -8.72 5.46
C THR A 6 -17.24 -9.11 4.21
N ALA A 7 -17.90 -9.65 3.20
CA ALA A 7 -17.24 -9.86 1.89
C ALA A 7 -17.01 -8.51 1.21
N ILE A 8 -17.87 -7.55 1.51
CA ILE A 8 -17.76 -6.21 0.97
C ILE A 8 -17.41 -5.29 2.13
N LEU A 9 -16.27 -4.61 2.01
CA LEU A 9 -15.88 -3.64 3.02
C LEU A 9 -16.43 -2.30 2.63
N SER A 10 -16.79 -1.50 3.61
CA SER A 10 -17.16 -0.13 3.34
C SER A 10 -16.53 0.81 4.37
N GLU A 11 -16.07 1.97 3.93
CA GLU A 11 -15.61 2.97 4.87
C GLU A 11 -15.47 4.36 4.32
N LYS A 12 -15.54 5.33 5.19
CA LYS A 12 -15.25 6.67 4.81
C LYS A 12 -13.83 6.88 5.28
N PRO A 13 -12.85 6.64 4.43
CA PRO A 13 -11.45 6.56 4.90
C PRO A 13 -10.89 7.94 5.19
N ASN A 14 -9.79 7.98 5.94
CA ASN A 14 -9.23 9.28 6.20
C ASN A 14 -7.77 9.45 5.80
N VAL A 15 -7.48 9.14 4.56
CA VAL A 15 -6.13 9.10 4.07
C VAL A 15 -5.98 10.29 3.15
N LYS A 16 -5.13 11.22 3.56
CA LYS A 16 -4.82 12.37 2.73
C LYS A 16 -3.79 12.00 1.69
N TRP A 17 -3.67 12.82 0.64
CA TRP A 17 -2.64 12.62 -0.39
C TRP A 17 -1.24 12.49 0.24
N GLU A 18 -0.95 13.39 1.19
CA GLU A 18 0.35 13.42 1.87
C GLU A 18 0.63 12.15 2.67
N ASP A 19 -0.37 11.29 2.91
CA ASP A 19 -0.11 10.09 3.71
C ASP A 19 0.39 8.96 2.83
N VAL A 20 0.33 9.19 1.53
CA VAL A 20 0.74 8.22 0.54
C VAL A 20 2.11 8.64 0.02
N ALA A 21 3.12 7.83 0.34
CA ALA A 21 4.49 8.13 -0.01
C ALA A 21 4.65 8.22 -1.53
N GLY A 22 5.14 9.36 -2.02
CA GLY A 22 5.44 9.54 -3.44
C GLY A 22 4.25 9.46 -4.40
N LEU A 23 4.42 8.73 -5.47
CA LEU A 23 3.38 8.55 -6.45
C LEU A 23 2.80 9.83 -6.96
N GLU A 24 3.53 10.92 -6.89
CA GLU A 24 2.94 12.18 -7.24
C GLU A 24 2.33 12.22 -8.63
N GLY A 25 2.80 11.39 -9.52
CA GLY A 25 2.30 11.42 -10.88
C GLY A 25 0.94 10.79 -11.03
N ALA A 26 0.77 9.63 -10.44
CA ALA A 26 -0.52 9.05 -10.31
C ALA A 26 -1.38 10.01 -9.59
N LYS A 27 -0.84 10.67 -8.61
CA LYS A 27 -1.70 11.43 -7.77
C LYS A 27 -2.28 12.51 -8.62
N GLU A 28 -1.49 13.03 -9.52
CA GLU A 28 -1.89 14.20 -10.23
C GLU A 28 -2.82 13.79 -11.33
N ALA A 29 -2.63 12.59 -11.82
CA ALA A 29 -3.58 12.03 -12.76
C ALA A 29 -4.96 11.80 -12.17
N LEU A 30 -5.00 11.27 -10.98
CA LEU A 30 -6.23 11.00 -10.24
C LEU A 30 -6.93 12.30 -9.85
N LYS A 31 -6.15 13.31 -9.51
CA LYS A 31 -6.72 14.61 -9.21
C LYS A 31 -7.54 15.13 -10.39
N GLU A 32 -6.99 15.10 -11.59
CA GLU A 32 -7.76 15.61 -12.68
C GLU A 32 -8.77 14.65 -13.26
N ALA A 33 -8.51 13.37 -13.12
CA ALA A 33 -9.46 12.32 -13.52
C ALA A 33 -10.70 12.20 -12.62
N VAL A 34 -10.54 12.44 -11.31
CA VAL A 34 -11.58 12.16 -10.33
C VAL A 34 -11.97 13.37 -9.54
N ILE A 35 -10.98 14.10 -9.04
CA ILE A 35 -11.26 15.21 -8.13
C ILE A 35 -11.81 16.43 -8.84
N LEU A 36 -11.23 16.78 -9.99
CA LEU A 36 -11.77 17.89 -10.77
C LEU A 36 -13.28 17.71 -11.07
N PRO A 37 -13.70 16.51 -11.54
CA PRO A 37 -15.15 16.32 -11.76
C PRO A 37 -15.98 16.59 -10.51
N VAL A 38 -15.48 16.13 -9.38
CA VAL A 38 -16.18 16.25 -8.11
C VAL A 38 -16.14 17.67 -7.58
N LYS A 39 -15.03 18.36 -7.80
CA LYS A 39 -14.86 19.71 -7.28
C LYS A 39 -15.76 20.70 -8.03
N PHE A 40 -15.77 20.57 -9.35
CA PHE A 40 -16.53 21.45 -10.20
C PHE A 40 -17.49 20.65 -11.08
N PRO A 41 -18.61 20.17 -10.50
CA PRO A 41 -19.49 19.33 -11.32
C PRO A 41 -20.13 20.05 -12.53
N HIS A 42 -20.31 21.37 -12.43
CA HIS A 42 -20.94 22.12 -13.53
C HIS A 42 -20.15 22.07 -14.86
N LEU A 43 -18.93 21.56 -14.79
CA LEU A 43 -18.09 21.38 -15.96
C LEU A 43 -18.56 20.23 -16.82
N PHE A 44 -19.44 19.40 -16.27
CA PHE A 44 -19.79 18.15 -16.91
C PHE A 44 -21.29 18.06 -17.15
N LYS A 45 -21.81 19.07 -17.85
CA LYS A 45 -23.16 19.08 -18.37
C LYS A 45 -23.12 18.49 -19.80
N GLY A 46 -24.25 17.96 -20.27
CA GLY A 46 -24.37 17.52 -21.66
C GLY A 46 -23.65 16.22 -21.95
N ASN A 47 -22.91 16.18 -23.06
CA ASN A 47 -22.21 14.97 -23.47
C ASN A 47 -20.78 14.87 -22.99
N ARG A 48 -20.45 15.69 -22.00
CA ARG A 48 -19.11 15.69 -21.43
C ARG A 48 -19.28 14.94 -20.13
N LYS A 49 -18.64 13.79 -20.00
CA LYS A 49 -18.88 12.97 -18.82
C LYS A 49 -17.59 12.51 -18.12
N PRO A 50 -17.57 12.58 -16.77
CA PRO A 50 -16.37 12.20 -16.01
C PRO A 50 -16.04 10.73 -16.20
N THR A 51 -14.76 10.38 -16.15
CA THR A 51 -14.30 9.00 -16.17
C THR A 51 -15.08 8.21 -15.12
N SER A 52 -15.38 6.94 -15.36
CA SER A 52 -16.03 6.15 -14.32
C SER A 52 -15.41 4.76 -14.11
N GLY A 53 -14.35 4.48 -14.89
CA GLY A 53 -13.50 3.32 -14.69
C GLY A 53 -12.06 3.77 -14.69
N ILE A 54 -11.28 3.37 -13.69
CA ILE A 54 -9.84 3.63 -13.74
C ILE A 54 -9.13 2.36 -13.32
N LEU A 55 -8.18 1.93 -14.13
CA LEU A 55 -7.37 0.81 -13.74
C LEU A 55 -6.05 1.29 -13.12
N LEU A 56 -5.74 0.79 -11.94
CA LEU A 56 -4.44 1.02 -11.35
C LEU A 56 -3.60 -0.24 -11.53
N TYR A 57 -2.47 -0.12 -12.22
CA TYR A 57 -1.60 -1.27 -12.49
C TYR A 57 -0.13 -0.98 -12.13
N GLY A 58 0.55 -2.01 -11.69
CA GLY A 58 1.95 -1.94 -11.35
C GLY A 58 2.35 -3.12 -10.49
N PRO A 59 3.64 -3.25 -10.19
CA PRO A 59 4.09 -4.38 -9.36
C PRO A 59 3.41 -4.36 -7.97
N PRO A 60 3.38 -5.52 -7.26
CA PRO A 60 2.81 -5.59 -5.91
C PRO A 60 3.60 -4.79 -4.91
N GLY A 61 2.96 -4.40 -3.81
CA GLY A 61 3.64 -3.76 -2.69
C GLY A 61 3.72 -2.25 -2.77
N THR A 62 2.92 -1.66 -3.65
CA THR A 62 2.87 -0.22 -3.81
C THR A 62 1.66 0.41 -3.08
N GLY A 63 0.89 -0.41 -2.37
CA GLY A 63 -0.33 0.03 -1.68
C GLY A 63 -1.37 0.68 -2.61
N LYS A 64 -1.58 0.10 -3.80
CA LYS A 64 -2.60 0.61 -4.71
C LYS A 64 -3.90 0.86 -3.94
N SER A 65 -4.25 -0.07 -3.04
CA SER A 65 -5.34 0.14 -2.11
C SER A 65 -5.28 1.45 -1.31
N TYR A 66 -4.14 1.70 -0.67
CA TYR A 66 -3.97 2.90 0.12
C TYR A 66 -4.19 4.15 -0.74
N LEU A 67 -3.58 4.19 -1.92
CA LEU A 67 -3.78 5.31 -2.84
C LEU A 67 -5.27 5.50 -3.19
N ALA A 68 -5.95 4.37 -3.39
CA ALA A 68 -7.37 4.36 -3.71
C ALA A 68 -8.19 5.01 -2.59
N LYS A 69 -7.88 4.67 -1.34
CA LYS A 69 -8.53 5.33 -0.20
C LYS A 69 -8.22 6.82 -0.18
N ALA A 70 -7.04 7.22 -0.64
CA ALA A 70 -6.75 8.65 -0.59
C ALA A 70 -7.67 9.37 -1.58
N VAL A 71 -7.93 8.74 -2.71
CA VAL A 71 -8.76 9.35 -3.74
C VAL A 71 -10.15 9.54 -3.12
N ALA A 72 -10.68 8.48 -2.54
CA ALA A 72 -11.94 8.52 -1.83
C ALA A 72 -11.96 9.63 -0.80
N THR A 73 -10.92 9.72 0.02
CA THR A 73 -10.88 10.76 1.07
C THR A 73 -10.95 12.12 0.44
N GLU A 74 -10.22 12.29 -0.65
CA GLU A 74 -10.09 13.58 -1.29
C GLU A 74 -11.30 13.93 -2.16
N ALA A 75 -12.00 12.92 -2.64
CA ALA A 75 -13.28 13.08 -3.35
C ALA A 75 -14.46 13.13 -2.37
N ASN A 76 -14.15 12.87 -1.09
CA ASN A 76 -15.13 12.93 -0.03
C ASN A 76 -16.25 11.91 -0.26
N SER A 77 -15.83 10.70 -0.60
CA SER A 77 -16.73 9.65 -0.99
C SER A 77 -16.55 8.40 -0.12
N THR A 78 -17.58 7.56 -0.10
CA THR A 78 -17.49 6.31 0.62
C THR A 78 -16.64 5.37 -0.22
N PHE A 79 -15.79 4.59 0.44
CA PHE A 79 -14.93 3.63 -0.21
C PHE A 79 -15.57 2.26 -0.02
N PHE A 80 -15.97 1.63 -1.11
CA PHE A 80 -16.51 0.27 -1.07
C PHE A 80 -15.48 -0.61 -1.72
N SER A 81 -15.22 -1.79 -1.17
CA SER A 81 -14.13 -2.59 -1.75
C SER A 81 -14.30 -4.07 -1.60
N VAL A 82 -13.70 -4.77 -2.57
CA VAL A 82 -13.85 -6.19 -2.73
C VAL A 82 -12.55 -6.79 -3.31
N SER A 83 -12.22 -7.98 -2.86
CA SER A 83 -11.13 -8.76 -3.44
C SER A 83 -11.66 -9.79 -4.44
N SER A 84 -11.15 -9.72 -5.67
CA SER A 84 -11.55 -10.65 -6.72
C SER A 84 -11.08 -12.06 -6.45
N SER A 85 -9.94 -12.21 -5.79
CA SER A 85 -9.51 -13.56 -5.47
C SER A 85 -10.54 -14.18 -4.53
N ASP A 86 -10.93 -13.45 -3.48
CA ASP A 86 -11.98 -13.93 -2.58
C ASP A 86 -13.28 -14.23 -3.32
N LEU A 87 -13.69 -13.33 -4.20
CA LEU A 87 -14.90 -13.56 -5.00
C LEU A 87 -14.83 -14.89 -5.75
N VAL A 88 -13.70 -15.15 -6.40
CA VAL A 88 -13.57 -16.31 -7.26
C VAL A 88 -13.44 -17.62 -6.47
N SER A 89 -12.83 -17.57 -5.29
CA SER A 89 -12.57 -18.81 -4.56
C SER A 89 -13.47 -19.00 -3.33
N LYS A 90 -13.33 -18.09 -2.37
CA LYS A 90 -14.02 -18.17 -1.08
C LYS A 90 -15.56 -18.21 -1.21
N TRP A 91 -16.13 -17.25 -1.93
CA TRP A 91 -17.59 -17.06 -1.97
C TRP A 91 -18.28 -17.77 -3.12
N MET A 92 -17.61 -17.81 -4.27
CA MET A 92 -18.03 -18.58 -5.42
C MET A 92 -19.50 -18.48 -5.73
N GLY A 93 -20.26 -19.38 -5.14
CA GLY A 93 -21.71 -19.48 -5.35
C GLY A 93 -22.50 -18.18 -5.27
N GLU A 94 -22.06 -17.29 -4.39
CA GLU A 94 -22.83 -16.13 -4.03
C GLU A 94 -22.21 -14.89 -4.62
N SER A 95 -21.25 -15.09 -5.49
CA SER A 95 -20.47 -14.00 -6.08
C SER A 95 -21.23 -13.06 -6.99
N GLU A 96 -22.14 -13.62 -7.78
CA GLU A 96 -23.04 -12.80 -8.60
C GLU A 96 -23.85 -11.85 -7.70
N LYS A 97 -24.48 -12.43 -6.68
CA LYS A 97 -25.19 -11.67 -5.68
C LYS A 97 -24.25 -10.57 -5.11
N LEU A 98 -23.03 -10.93 -4.76
CA LEU A 98 -22.08 -9.97 -4.16
C LEU A 98 -21.75 -8.82 -5.08
N VAL A 99 -21.41 -9.10 -6.33
CA VAL A 99 -21.10 -8.04 -7.30
C VAL A 99 -22.32 -7.13 -7.50
N LYS A 100 -23.50 -7.71 -7.49
CA LYS A 100 -24.72 -6.93 -7.48
C LYS A 100 -24.85 -6.02 -6.29
N GLN A 101 -24.85 -6.59 -5.10
CA GLN A 101 -25.03 -5.82 -3.88
C GLN A 101 -24.00 -4.68 -3.80
N LEU A 102 -22.77 -4.98 -4.24
CA LEU A 102 -21.69 -4.00 -4.21
C LEU A 102 -22.05 -2.77 -5.02
N PHE A 103 -22.44 -2.97 -6.27
CA PHE A 103 -22.86 -1.83 -7.09
C PHE A 103 -24.09 -1.17 -6.51
N ALA A 104 -24.96 -1.96 -5.88
CA ALA A 104 -26.19 -1.43 -5.33
C ALA A 104 -25.92 -0.51 -4.14
N MET A 105 -25.05 -0.93 -3.22
CA MET A 105 -24.64 -0.09 -2.08
C MET A 105 -24.04 1.23 -2.58
N ALA A 106 -23.14 1.12 -3.54
CA ALA A 106 -22.45 2.28 -4.08
C ALA A 106 -23.42 3.29 -4.71
N ARG A 107 -24.42 2.79 -5.44
CA ARG A 107 -25.49 3.66 -5.97
C ARG A 107 -26.25 4.40 -4.88
N GLU A 108 -26.62 3.66 -3.82
CA GLU A 108 -27.35 4.20 -2.68
C GLU A 108 -26.52 5.20 -1.90
N ASN A 109 -25.22 5.24 -2.13
CA ASN A 109 -24.33 6.04 -1.28
C ASN A 109 -23.44 7.04 -2.01
N LYS A 110 -23.89 7.58 -3.13
CA LYS A 110 -23.12 8.60 -3.83
C LYS A 110 -22.89 9.85 -2.95
N PRO A 111 -21.71 10.50 -3.05
CA PRO A 111 -20.61 10.11 -3.91
C PRO A 111 -19.89 8.90 -3.29
N SER A 112 -19.52 7.93 -4.12
CA SER A 112 -18.86 6.74 -3.64
C SER A 112 -17.88 6.14 -4.64
N ILE A 113 -16.98 5.28 -4.16
CA ILE A 113 -15.98 4.62 -4.99
C ILE A 113 -15.96 3.11 -4.78
N ILE A 114 -16.01 2.33 -5.86
CA ILE A 114 -15.84 0.87 -5.78
C ILE A 114 -14.40 0.49 -6.08
N PHE A 115 -13.79 -0.27 -5.18
CA PHE A 115 -12.44 -0.76 -5.39
C PHE A 115 -12.47 -2.28 -5.56
N ILE A 116 -12.04 -2.71 -6.75
CA ILE A 116 -11.94 -4.12 -7.08
C ILE A 116 -10.47 -4.48 -7.16
N ASP A 117 -10.00 -5.28 -6.23
CA ASP A 117 -8.60 -5.61 -6.19
C ASP A 117 -8.36 -6.82 -7.03
N GLN A 118 -7.25 -6.85 -7.74
CA GLN A 118 -6.82 -8.05 -8.41
C GLN A 118 -7.81 -8.39 -9.46
N VAL A 119 -8.12 -7.43 -10.30
CA VAL A 119 -9.10 -7.64 -11.36
C VAL A 119 -8.76 -8.75 -12.34
N ASP A 120 -7.47 -9.04 -12.51
CA ASP A 120 -7.04 -10.15 -13.38
C ASP A 120 -7.64 -11.47 -12.92
N ALA A 121 -7.72 -11.65 -11.60
CA ALA A 121 -8.18 -12.88 -10.98
C ALA A 121 -9.67 -13.16 -11.22
N LEU A 122 -10.31 -12.32 -12.00
CA LEU A 122 -11.68 -12.57 -12.40
C LEU A 122 -11.74 -13.63 -13.50
N THR A 123 -10.84 -13.51 -14.46
CA THR A 123 -10.71 -14.47 -15.56
C THR A 123 -9.87 -15.73 -15.14
N GLY A 124 -9.39 -16.48 -16.12
CA GLY A 124 -9.00 -17.90 -15.98
C GLY A 124 -7.73 -18.35 -15.26
N THR A 125 -7.81 -19.58 -14.75
CA THR A 125 -6.81 -20.26 -13.88
C THR A 125 -5.34 -20.22 -14.35
N GLU A 132 -16.35 -21.67 -16.58
CA GLU A 132 -17.80 -21.72 -16.51
C GLU A 132 -18.38 -21.02 -15.26
N ALA A 133 -17.84 -21.32 -14.08
CA ALA A 133 -18.42 -20.86 -12.81
C ALA A 133 -18.23 -19.37 -12.53
N SER A 134 -16.99 -18.88 -12.70
CA SER A 134 -16.66 -17.48 -12.47
C SER A 134 -16.89 -16.65 -13.74
N ARG A 135 -17.21 -17.34 -14.83
CA ARG A 135 -17.60 -16.71 -16.09
C ARG A 135 -18.78 -15.77 -15.79
N ARG A 136 -19.54 -16.13 -14.77
CA ARG A 136 -20.67 -15.34 -14.25
C ARG A 136 -20.23 -14.02 -13.62
N ILE A 137 -19.15 -14.07 -12.83
CA ILE A 137 -18.61 -12.87 -12.20
C ILE A 137 -18.14 -11.87 -13.24
N LYS A 138 -17.29 -12.32 -14.15
CA LYS A 138 -16.91 -11.53 -15.32
C LYS A 138 -18.14 -10.88 -15.95
N THR A 139 -19.17 -11.67 -16.19
CA THR A 139 -20.33 -11.22 -16.94
C THR A 139 -21.15 -10.19 -16.16
N GLU A 140 -21.27 -10.41 -14.86
CA GLU A 140 -22.03 -9.50 -14.00
C GLU A 140 -21.30 -8.18 -13.82
N LEU A 141 -19.99 -8.25 -13.61
CA LEU A 141 -19.17 -7.05 -13.51
C LEU A 141 -19.40 -6.18 -14.73
N LEU A 142 -19.34 -6.78 -15.92
CA LEU A 142 -19.46 -6.02 -17.14
C LEU A 142 -20.83 -5.33 -17.23
N VAL A 143 -21.89 -6.06 -16.92
CA VAL A 143 -23.23 -5.48 -16.90
C VAL A 143 -23.26 -4.29 -15.95
N GLN A 144 -22.64 -4.43 -14.77
CA GLN A 144 -22.67 -3.38 -13.76
C GLN A 144 -21.90 -2.13 -14.17
N MET A 145 -20.79 -2.32 -14.87
CA MET A 145 -19.94 -1.19 -15.30
C MET A 145 -20.54 -0.46 -16.49
N ASN A 146 -21.52 -1.10 -17.13
CA ASN A 146 -22.47 -0.43 -18.00
C ASN A 146 -23.49 0.41 -17.21
N GLY A 147 -23.43 0.30 -15.89
CA GLY A 147 -24.27 1.09 -14.95
C GLY A 147 -23.96 2.58 -14.90
N VAL A 148 -22.85 2.98 -15.54
CA VAL A 148 -22.66 4.38 -15.99
C VAL A 148 -23.89 4.77 -16.85
N GLY A 149 -24.23 3.91 -17.82
CA GLY A 149 -25.45 4.02 -18.60
C GLY A 149 -26.67 3.37 -17.95
N ASN A 150 -26.72 3.37 -16.62
CA ASN A 150 -27.96 3.18 -15.85
C ASN A 150 -28.69 4.52 -15.93
N ASP A 151 -28.26 5.47 -15.10
CA ASP A 151 -28.50 6.90 -15.32
C ASP A 151 -27.11 7.58 -15.49
N SER A 152 -26.42 8.01 -14.41
CA SER A 152 -26.85 8.02 -13.00
C SER A 152 -25.90 8.81 -12.11
N GLN A 153 -24.61 8.51 -12.26
CA GLN A 153 -23.62 8.52 -11.17
C GLN A 153 -22.73 9.77 -11.07
N GLY A 154 -21.99 9.94 -9.96
CA GLY A 154 -22.09 9.10 -8.75
C GLY A 154 -20.90 8.21 -8.36
N VAL A 155 -20.87 7.01 -8.93
CA VAL A 155 -19.97 5.95 -8.51
C VAL A 155 -18.86 5.69 -9.51
N LEU A 156 -17.68 5.52 -8.98
CA LEU A 156 -16.50 5.30 -9.80
C LEU A 156 -15.85 3.98 -9.41
N VAL A 157 -15.48 3.22 -10.42
CA VAL A 157 -14.86 1.93 -10.23
C VAL A 157 -13.37 2.10 -10.45
N LEU A 158 -12.57 1.69 -9.47
CA LEU A 158 -11.11 1.67 -9.57
C LEU A 158 -10.68 0.25 -9.46
N GLY A 159 -10.12 -0.30 -10.54
CA GLY A 159 -9.57 -1.65 -10.51
C GLY A 159 -8.11 -1.68 -10.16
N ALA A 160 -7.67 -2.75 -9.52
CA ALA A 160 -6.26 -2.86 -9.20
C ALA A 160 -5.75 -4.18 -9.72
N THR A 161 -4.60 -4.14 -10.38
CA THR A 161 -3.95 -5.35 -10.83
C THR A 161 -2.42 -5.28 -10.71
N ASN A 162 -1.81 -6.41 -10.36
CA ASN A 162 -0.35 -6.57 -10.45
C ASN A 162 0.12 -7.08 -11.81
N ILE A 163 -0.76 -7.81 -12.49
CA ILE A 163 -0.43 -8.54 -13.72
C ILE A 163 -1.41 -8.03 -14.80
N PRO A 164 -1.26 -6.76 -15.23
CA PRO A 164 -2.28 -6.28 -16.17
C PRO A 164 -2.34 -7.11 -17.46
N TRP A 165 -1.22 -7.70 -17.86
CA TRP A 165 -1.16 -8.53 -19.06
C TRP A 165 -2.03 -9.79 -18.94
N GLN A 166 -2.41 -10.17 -17.72
CA GLN A 166 -3.34 -11.30 -17.51
C GLN A 166 -4.80 -10.87 -17.25
N LEU A 167 -5.10 -9.62 -17.59
CA LEU A 167 -6.42 -9.08 -17.34
C LEU A 167 -7.28 -9.20 -18.60
N ASP A 168 -8.41 -9.89 -18.45
CA ASP A 168 -9.43 -10.05 -19.51
C ASP A 168 -9.60 -8.77 -20.32
N SER A 169 -9.38 -8.87 -21.63
CA SER A 169 -9.48 -7.71 -22.52
C SER A 169 -10.86 -7.01 -22.48
N ALA A 170 -11.92 -7.79 -22.26
CA ALA A 170 -13.27 -7.23 -22.11
C ALA A 170 -13.36 -6.36 -20.85
N ILE A 171 -12.81 -6.84 -19.74
CA ILE A 171 -12.77 -6.08 -18.52
C ILE A 171 -11.83 -4.91 -18.75
N ARG A 172 -10.65 -5.18 -19.27
CA ARG A 172 -9.69 -4.15 -19.62
C ARG A 172 -10.40 -2.99 -20.34
N ARG A 173 -11.22 -3.29 -21.33
CA ARG A 173 -11.83 -2.22 -22.11
C ARG A 173 -12.80 -1.32 -21.33
N ARG A 174 -13.32 -1.80 -20.19
CA ARG A 174 -14.25 -1.02 -19.35
C ARG A 174 -13.53 0.01 -18.50
N PHE A 175 -12.21 -0.12 -18.43
CA PHE A 175 -11.39 0.80 -17.66
C PHE A 175 -10.77 1.87 -18.55
N GLU A 176 -11.63 2.85 -18.97
CA GLU A 176 -11.13 3.90 -19.85
C GLU A 176 -9.71 4.31 -19.45
N ARG A 177 -9.60 4.91 -18.27
CA ARG A 177 -8.34 5.47 -17.82
C ARG A 177 -7.50 4.39 -17.14
N ARG A 178 -6.21 4.37 -17.45
CA ARG A 178 -5.23 3.45 -16.87
C ARG A 178 -4.07 4.23 -16.29
N ILE A 179 -3.70 3.94 -15.05
CA ILE A 179 -2.62 4.64 -14.38
C ILE A 179 -1.64 3.67 -13.75
N TYR A 180 -0.39 3.83 -14.14
CA TYR A 180 0.72 3.03 -13.64
C TYR A 180 1.15 3.47 -12.24
N ILE A 181 1.21 2.52 -11.32
CA ILE A 181 1.67 2.80 -9.97
C ILE A 181 3.08 2.22 -9.82
N PRO A 182 4.11 3.06 -9.98
CA PRO A 182 5.51 2.62 -9.98
C PRO A 182 6.03 2.22 -8.61
N LEU A 183 7.10 1.45 -8.59
CA LEU A 183 7.86 1.24 -7.37
C LEU A 183 8.39 2.58 -6.92
N PRO A 184 8.52 2.76 -5.60
CA PRO A 184 8.89 4.04 -5.03
C PRO A 184 10.32 4.46 -5.44
N ASP A 185 10.52 5.76 -5.66
CA ASP A 185 11.82 6.29 -6.01
C ASP A 185 12.49 6.77 -4.73
N LEU A 186 13.75 7.18 -4.83
CA LEU A 186 14.50 7.72 -3.69
C LEU A 186 13.67 8.49 -2.65
N ALA A 187 13.01 9.58 -3.07
CA ALA A 187 12.22 10.43 -2.17
C ALA A 187 11.13 9.64 -1.46
N ALA A 188 10.41 8.83 -2.23
CA ALA A 188 9.33 8.01 -1.68
C ALA A 188 9.83 6.96 -0.67
N ARG A 189 10.92 6.27 -1.00
CA ARG A 189 11.50 5.31 -0.08
C ARG A 189 11.94 6.04 1.19
N THR A 190 12.46 7.24 1.03
CA THR A 190 12.85 7.99 2.20
C THR A 190 11.65 8.26 3.08
N THR A 191 10.58 8.76 2.49
CA THR A 191 9.32 8.95 3.22
C THR A 191 8.83 7.64 3.87
N MET A 192 8.84 6.54 3.13
CA MET A 192 8.41 5.27 3.70
C MET A 192 9.21 4.87 4.96
N PHE A 193 10.53 5.11 4.96
CA PHE A 193 11.31 4.77 6.15
C PHE A 193 10.80 5.60 7.34
N GLU A 194 10.62 6.90 7.10
CA GLU A 194 10.19 7.81 8.15
C GLU A 194 8.84 7.38 8.70
N ILE A 195 7.87 7.22 7.80
CA ILE A 195 6.54 6.75 8.19
C ILE A 195 6.60 5.43 8.97
N ASN A 196 7.36 4.46 8.46
CA ASN A 196 7.43 3.16 9.10
C ASN A 196 8.07 3.17 10.48
N VAL A 197 8.98 4.12 10.75
CA VAL A 197 9.51 4.22 12.13
C VAL A 197 8.63 5.14 12.95
N GLY A 198 8.00 6.11 12.27
CA GLY A 198 7.25 7.17 12.93
C GLY A 198 7.92 7.66 14.19
N ASP A 199 7.23 7.47 15.32
CA ASP A 199 7.65 7.94 16.63
C ASP A 199 8.68 7.11 17.36
N THR A 200 9.00 5.93 16.87
CA THR A 200 9.91 5.04 17.59
C THR A 200 11.20 5.78 18.00
N PRO A 201 11.61 5.62 19.26
CA PRO A 201 12.91 6.17 19.67
C PRO A 201 14.04 5.65 18.81
N CYS A 202 14.73 6.56 18.13
CA CYS A 202 15.97 6.25 17.40
C CYS A 202 16.78 7.52 17.14
N VAL A 203 18.01 7.32 16.72
CA VAL A 203 18.94 8.43 16.60
C VAL A 203 19.29 8.75 15.13
N LEU A 204 18.43 8.31 14.20
CA LEU A 204 18.55 8.59 12.76
C LEU A 204 18.39 10.07 12.40
N THR A 205 19.27 10.54 11.52
CA THR A 205 19.26 11.93 11.06
C THR A 205 18.47 12.01 9.78
N LYS A 206 18.22 13.23 9.30
CA LYS A 206 17.61 13.40 7.99
C LYS A 206 18.46 12.70 6.91
N GLU A 207 19.78 12.84 7.02
CA GLU A 207 20.71 12.20 6.08
C GLU A 207 20.66 10.66 6.11
N ASP A 208 20.52 10.10 7.31
CA ASP A 208 20.40 8.64 7.43
C ASP A 208 19.19 8.12 6.69
N TYR A 209 18.07 8.84 6.80
CA TYR A 209 16.86 8.45 6.10
C TYR A 209 17.12 8.46 4.60
N ARG A 210 17.76 9.49 4.12
CA ARG A 210 18.12 9.54 2.73
C ARG A 210 19.05 8.42 2.34
N THR A 211 19.94 8.06 3.23
CA THR A 211 20.85 6.97 2.98
C THR A 211 20.06 5.68 2.83
N LEU A 212 19.26 5.36 3.84
CA LEU A 212 18.32 4.23 3.77
C LEU A 212 17.47 4.23 2.50
N GLY A 213 17.01 5.41 2.11
CA GLY A 213 16.33 5.58 0.84
C GLY A 213 17.21 5.13 -0.30
N ALA A 214 18.37 5.76 -0.43
CA ALA A 214 19.30 5.48 -1.54
C ALA A 214 19.71 4.01 -1.59
N MET A 215 19.78 3.38 -0.42
CA MET A 215 20.29 2.02 -0.30
C MET A 215 19.24 0.95 -0.52
N THR A 216 18.01 1.34 -0.84
CA THR A 216 16.94 0.37 -1.13
C THR A 216 16.31 0.53 -2.50
N GLU A 217 17.10 0.83 -3.52
CA GLU A 217 16.64 0.79 -4.91
C GLU A 217 15.99 -0.55 -5.21
N GLY A 218 14.81 -0.50 -5.83
CA GLY A 218 14.06 -1.70 -6.20
C GLY A 218 13.20 -2.33 -5.12
N TYR A 219 13.19 -1.74 -3.92
CA TYR A 219 12.34 -2.20 -2.84
C TYR A 219 10.95 -1.61 -3.02
N SER A 220 9.94 -2.28 -2.46
CA SER A 220 8.58 -1.75 -2.44
C SER A 220 8.25 -1.22 -1.05
N GLY A 221 7.11 -0.57 -0.93
CA GLY A 221 6.62 -0.13 0.37
C GLY A 221 6.56 -1.33 1.30
N SER A 222 6.03 -2.43 0.78
CA SER A 222 5.92 -3.66 1.56
C SER A 222 7.28 -4.09 2.05
N ASP A 223 8.19 -4.29 1.09
CA ASP A 223 9.59 -4.62 1.40
C ASP A 223 10.13 -3.70 2.49
N ILE A 224 9.97 -2.39 2.31
CA ILE A 224 10.49 -1.45 3.28
C ILE A 224 9.81 -1.64 4.62
N ALA A 225 8.51 -1.85 4.60
CA ALA A 225 7.76 -2.14 5.81
C ALA A 225 8.37 -3.34 6.56
N VAL A 226 8.72 -4.41 5.85
CA VAL A 226 9.26 -5.56 6.57
C VAL A 226 10.65 -5.27 7.10
N VAL A 227 11.47 -4.56 6.32
CA VAL A 227 12.80 -4.24 6.80
C VAL A 227 12.67 -3.39 8.05
N VAL A 228 11.75 -2.42 8.04
CA VAL A 228 11.68 -1.50 9.18
C VAL A 228 11.19 -2.23 10.43
N LYS A 229 10.21 -3.10 10.26
CA LYS A 229 9.68 -3.92 11.35
C LYS A 229 10.79 -4.77 11.99
N ASP A 230 11.69 -5.27 11.14
CA ASP A 230 12.85 -6.02 11.55
C ASP A 230 13.84 -5.15 12.34
N ALA A 231 14.19 -3.99 11.78
CA ALA A 231 15.20 -3.15 12.41
C ALA A 231 14.80 -2.64 13.78
N LEU A 232 13.53 -2.29 13.99
CA LEU A 232 13.11 -1.67 15.25
C LEU A 232 13.26 -2.61 16.42
N MET A 233 13.38 -3.89 16.13
CA MET A 233 13.40 -4.85 17.19
C MET A 233 14.81 -5.11 17.65
N GLN A 234 15.75 -4.62 16.89
CA GLN A 234 17.16 -4.86 17.14
C GLN A 234 17.64 -4.54 18.58
N PRO A 235 17.19 -3.40 19.15
CA PRO A 235 17.63 -3.10 20.51
C PRO A 235 17.03 -4.07 21.50
N ILE A 236 15.80 -4.51 21.25
CA ILE A 236 15.19 -5.54 22.07
C ILE A 236 15.98 -6.84 21.87
N ARG A 237 16.30 -7.14 20.62
CA ARG A 237 17.14 -8.28 20.31
C ARG A 237 18.47 -8.27 21.05
N LYS A 238 19.08 -7.10 21.16
CA LYS A 238 20.38 -7.04 21.82
C LYS A 238 20.20 -7.26 23.31
N ILE A 239 19.23 -6.58 23.92
CA ILE A 239 18.94 -6.74 25.34
C ILE A 239 18.70 -8.20 25.71
N GLN A 240 17.97 -8.90 24.85
CA GLN A 240 17.59 -10.30 25.12
C GLN A 240 18.77 -11.24 25.24
N SER A 241 19.64 -11.28 24.23
CA SER A 241 20.70 -12.31 24.17
C SER A 241 22.06 -12.03 24.89
N ALA A 242 22.31 -10.80 25.32
CA ALA A 242 23.37 -10.50 26.31
C ALA A 242 22.92 -11.10 27.65
N THR A 243 23.77 -11.75 28.48
CA THR A 243 25.25 -11.88 28.50
C THR A 243 26.08 -10.60 28.51
N HIS A 244 26.45 -10.18 29.72
CA HIS A 244 27.25 -8.96 29.95
C HIS A 244 26.57 -7.61 29.66
N PHE A 245 26.46 -6.80 30.71
CA PHE A 245 26.04 -5.40 30.61
C PHE A 245 27.11 -4.50 31.26
N LYS A 246 26.84 -3.20 31.34
CA LYS A 246 27.83 -2.23 31.79
C LYS A 246 27.19 -0.90 32.15
N ASP A 247 27.67 -0.29 33.24
CA ASP A 247 27.14 1.00 33.70
C ASP A 247 27.70 2.16 32.87
N VAL A 248 26.85 3.17 32.62
CA VAL A 248 27.24 4.38 31.90
C VAL A 248 26.61 5.62 32.56
N SER A 249 26.96 6.80 32.06
CA SER A 249 26.48 8.12 32.58
C SER A 249 27.46 8.77 33.58
N GLU A 254 21.26 10.00 36.66
CA GLU A 254 20.19 9.84 37.65
C GLU A 254 20.11 8.40 38.20
N THR A 255 21.20 7.98 38.86
CA THR A 255 21.32 6.71 39.61
C THR A 255 21.29 5.41 38.77
N ARG A 256 22.47 4.85 38.52
CA ARG A 256 22.66 3.55 37.89
C ARG A 256 21.96 3.44 36.56
N LYS A 257 22.71 3.06 35.53
CA LYS A 257 22.13 2.79 34.18
C LYS A 257 22.98 1.90 33.28
N LEU A 258 22.50 0.67 33.02
CA LEU A 258 23.31 -0.33 32.32
C LEU A 258 22.78 -0.81 30.98
N THR A 259 23.71 -1.05 30.05
CA THR A 259 23.43 -1.37 28.65
C THR A 259 24.24 -2.61 28.22
N PRO A 260 23.78 -3.34 27.19
CA PRO A 260 24.53 -4.51 26.72
C PRO A 260 25.88 -4.13 26.11
N CYS A 261 26.91 -4.90 26.47
CA CYS A 261 28.25 -4.72 25.91
C CYS A 261 28.90 -6.09 25.72
N SER A 262 29.92 -6.15 24.86
CA SER A 262 30.63 -7.39 24.53
C SER A 262 31.29 -8.06 25.76
N PRO A 263 31.56 -9.39 25.70
CA PRO A 263 32.31 -10.02 26.79
C PRO A 263 33.69 -9.39 27.02
N GLY A 264 33.89 -8.86 28.22
CA GLY A 264 35.17 -8.24 28.60
C GLY A 264 35.30 -6.85 28.04
N ASP A 265 34.87 -5.87 28.84
CA ASP A 265 34.88 -4.43 28.49
C ASP A 265 34.95 -3.56 29.76
N ASP A 266 35.10 -2.25 29.58
CA ASP A 266 35.20 -1.28 30.69
C ASP A 266 33.96 -1.29 31.61
N GLY A 267 34.02 -2.11 32.66
CA GLY A 267 32.91 -2.24 33.62
C GLY A 267 31.90 -3.32 33.23
N ALA A 268 32.35 -4.27 32.41
CA ALA A 268 31.50 -5.36 31.93
C ALA A 268 31.23 -6.43 32.99
N ILE A 269 30.11 -6.27 33.69
CA ILE A 269 29.58 -7.32 34.58
C ILE A 269 28.90 -8.40 33.71
N GLU A 270 28.81 -9.62 34.21
CA GLU A 270 28.11 -10.71 33.47
C GLU A 270 26.73 -10.97 34.05
N MET A 271 25.71 -10.76 33.23
CA MET A 271 24.32 -10.92 33.68
C MET A 271 23.34 -11.05 32.51
N SER A 272 22.06 -11.15 32.86
CA SER A 272 20.96 -11.16 31.91
C SER A 272 20.01 -10.01 32.21
N TRP A 273 19.19 -9.62 31.22
CA TRP A 273 18.23 -8.52 31.38
C TRP A 273 17.32 -8.70 32.59
N THR A 274 17.04 -9.97 32.85
CA THR A 274 16.22 -10.40 33.99
C THR A 274 16.84 -9.97 35.31
N ASP A 275 18.17 -9.95 35.35
CA ASP A 275 18.92 -9.59 36.55
C ASP A 275 18.84 -8.11 36.84
N ILE A 276 18.42 -7.32 35.86
CA ILE A 276 18.56 -5.88 35.95
C ILE A 276 17.28 -5.17 36.35
N GLU A 277 17.43 -4.12 37.15
CA GLU A 277 16.32 -3.47 37.82
C GLU A 277 15.44 -2.65 36.88
N ALA A 278 14.15 -2.60 37.22
CA ALA A 278 13.16 -1.78 36.53
C ALA A 278 13.74 -0.43 36.16
N ASP A 279 13.41 0.02 34.96
CA ASP A 279 13.94 1.26 34.34
C ASP A 279 15.45 1.27 34.09
N GLU A 280 16.25 1.06 35.14
CA GLU A 280 17.68 1.28 35.11
C GLU A 280 18.44 0.51 34.01
N LEU A 281 17.72 0.19 32.95
CA LEU A 281 18.23 -0.36 31.71
C LEU A 281 18.49 0.76 30.72
N LYS A 282 19.62 0.69 30.02
CA LYS A 282 19.90 1.58 28.92
C LYS A 282 19.87 0.79 27.62
N GLU A 283 18.76 0.89 26.91
CA GLU A 283 18.59 0.24 25.61
C GLU A 283 19.65 0.76 24.63
N PRO A 284 20.20 -0.15 23.79
CA PRO A 284 21.12 0.33 22.76
C PRO A 284 20.37 1.31 21.89
N ASP A 285 21.08 2.34 21.41
CA ASP A 285 20.53 3.27 20.42
C ASP A 285 20.03 2.51 19.21
N LEU A 286 19.03 3.06 18.56
CA LEU A 286 18.61 2.52 17.31
C LEU A 286 19.26 3.32 16.23
N THR A 287 20.11 2.64 15.48
CA THR A 287 21.09 3.27 14.56
C THR A 287 20.67 3.02 13.13
N ILE A 288 21.26 3.76 12.21
CA ILE A 288 21.17 3.41 10.79
C ILE A 288 21.72 1.98 10.59
N LYS A 289 22.64 1.58 11.46
CA LYS A 289 23.37 0.31 11.30
C LYS A 289 22.40 -0.84 11.50
N ASP A 290 21.39 -0.61 12.32
CA ASP A 290 20.32 -1.61 12.50
C ASP A 290 19.50 -1.75 11.23
N PHE A 291 19.30 -0.64 10.53
CA PHE A 291 18.48 -0.64 9.31
C PHE A 291 19.25 -1.24 8.18
N LEU A 292 20.55 -0.91 8.09
CA LEU A 292 21.43 -1.41 7.03
C LEU A 292 21.55 -2.94 7.11
N LYS A 293 21.56 -3.43 8.35
CA LYS A 293 21.56 -4.85 8.64
C LYS A 293 20.27 -5.43 8.07
N ALA A 294 19.14 -4.83 8.46
CA ALA A 294 17.84 -5.29 8.02
C ALA A 294 17.72 -5.26 6.51
N ILE A 295 18.34 -4.28 5.85
CA ILE A 295 18.30 -4.24 4.39
C ILE A 295 18.99 -5.46 3.79
N LYS A 296 20.10 -5.89 4.38
CA LYS A 296 20.81 -7.06 3.84
C LYS A 296 19.97 -8.35 3.96
N SER A 297 19.24 -8.50 5.07
CA SER A 297 18.45 -9.72 5.31
C SER A 297 17.03 -9.76 4.70
N THR A 298 16.61 -8.70 4.01
CA THR A 298 15.36 -8.71 3.25
C THR A 298 15.62 -8.26 1.84
N ARG A 299 15.64 -9.21 0.94
CA ARG A 299 15.76 -9.01 -0.49
C ARG A 299 14.50 -8.34 -1.04
N PRO A 300 14.59 -7.56 -2.10
CA PRO A 300 13.34 -7.05 -2.69
C PRO A 300 12.44 -8.18 -3.22
N THR A 301 11.13 -7.90 -3.28
CA THR A 301 10.09 -8.89 -3.62
C THR A 301 9.89 -9.05 -5.12
N VAL A 302 10.17 -7.98 -5.84
CA VAL A 302 9.71 -7.82 -7.19
C VAL A 302 10.82 -8.02 -8.19
N ASN A 303 10.61 -8.94 -9.13
CA ASN A 303 11.57 -9.22 -10.20
C ASN A 303 11.82 -8.02 -11.13
N GLU A 304 13.07 -7.87 -11.58
CA GLU A 304 13.49 -6.73 -12.40
C GLU A 304 12.95 -6.73 -13.83
N ASP A 305 12.45 -7.88 -14.29
CA ASP A 305 11.87 -7.96 -15.65
C ASP A 305 10.45 -7.41 -15.71
N ASP A 306 9.91 -7.12 -14.53
CA ASP A 306 8.59 -6.51 -14.36
C ASP A 306 8.42 -5.09 -14.87
N LEU A 307 9.42 -4.23 -14.62
CA LEU A 307 9.61 -2.94 -15.31
C LEU A 307 9.16 -3.01 -16.78
N LEU A 308 9.84 -3.83 -17.59
CA LEU A 308 9.50 -4.07 -19.00
C LEU A 308 8.08 -4.63 -19.20
N LYS A 309 7.77 -5.76 -18.54
CA LYS A 309 6.41 -6.35 -18.59
C LYS A 309 5.28 -5.34 -18.29
N GLN A 310 5.51 -4.47 -17.30
CA GLN A 310 4.58 -3.39 -16.96
C GLN A 310 4.68 -2.26 -18.00
N GLU A 311 5.88 -1.98 -18.47
CA GLU A 311 6.08 -0.92 -19.47
C GLU A 311 5.62 -1.35 -20.87
N GLN A 312 5.63 -2.64 -21.14
CA GLN A 312 5.04 -3.21 -22.35
C GLN A 312 3.55 -2.89 -22.35
N PHE A 313 2.94 -3.02 -21.17
CA PHE A 313 1.53 -2.68 -20.97
C PHE A 313 1.26 -1.17 -21.08
N THR A 314 2.21 -0.35 -20.64
CA THR A 314 2.06 1.11 -20.71
C THR A 314 2.19 1.58 -22.15
N ARG A 315 3.03 0.86 -22.91
CA ARG A 315 3.24 1.11 -24.31
C ARG A 315 1.98 0.72 -25.11
N ASP A 316 1.37 -0.40 -24.73
CA ASP A 316 0.29 -1.01 -25.51
C ASP A 316 -1.10 -0.55 -25.11
N PHE A 317 -1.39 -0.53 -23.82
CA PHE A 317 -2.73 -0.20 -23.34
C PHE A 317 -2.74 1.00 -22.38
N GLY A 318 -1.66 1.77 -22.34
CA GLY A 318 -1.46 2.82 -21.33
C GLY A 318 -2.57 3.85 -21.25
S SO4 B . -0.34 -3.27 -3.21
O1 SO4 B . 0.52 -2.82 -2.11
O2 SO4 B . -1.60 -2.54 -2.97
O3 SO4 B . 0.14 -2.96 -4.57
O4 SO4 B . -0.45 -4.71 -3.04
S SO4 C . 15.69 5.97 -7.69
O1 SO4 C . 15.02 7.29 -7.66
O2 SO4 C . 16.49 5.89 -6.46
O3 SO4 C . 14.78 4.83 -7.75
O4 SO4 C . 16.54 5.83 -8.88
#